data_7PU4
#
_entry.id   7PU4
#
_cell.length_a   65.210
_cell.length_b   84.200
_cell.length_c   103.800
_cell.angle_alpha   90.000
_cell.angle_beta   90.000
_cell.angle_gamma   90.000
#
_symmetry.space_group_name_H-M   'P 21 21 21'
#
loop_
_entity.id
_entity.type
_entity.pdbx_description
1 polymer 'Ribose ABC transporter, periplasmic ribose-binding protein'
2 polymer 'Ribose ABC transporter, periplasmic ribose-binding protein'
3 water water
#
loop_
_entity_poly.entity_id
_entity_poly.type
_entity_poly.pdbx_seq_one_letter_code
_entity_poly.pdbx_strand_id
1 'polypeptide(L)'
;MKGKMAIVISTLNNPWFVVLAETAKQRAEQLGYEATIFDSQNDTAKESAHFDAIIAAGYDAIIFNPTDADGSIANVKRAK
EAGIPVFCVDRGINARGLAVAQIYSDNYYGGVLMGEYFVKFLKEKKLEHHHHHH
;
A,C
2 'polypeptide(L)'
;MGEYFVKFLKEKYPDAKEIPYAELLGILSAQPTWDRSNGFHSVVDQYPEFKMVAQQSAEFDRDTAYKVTEQILQAHPEIK
AIWCGNDAMALGAMKACEAAGRTDIYIFGFDGAEDVINAIKEGKQIVATIMQFPKLMARLAVEWADQYLRGERSFPEIVP
VTVELVTRENIDKYTAYGRKLEHHHHHH
;
B,D
#
# COMPACT_ATOMS: atom_id res chain seq x y z
N LYS A 2 17.40 9.47 -20.74
CA LYS A 2 18.45 8.79 -21.50
C LYS A 2 19.05 7.66 -20.67
N GLY A 3 19.12 6.49 -21.29
CA GLY A 3 19.43 5.25 -20.61
C GLY A 3 18.48 4.17 -21.02
N LYS A 4 18.69 2.97 -20.44
CA LYS A 4 17.90 1.83 -20.82
C LYS A 4 17.57 0.96 -19.62
N MET A 5 16.36 0.38 -19.64
CA MET A 5 15.94 -0.55 -18.61
C MET A 5 15.62 -1.92 -19.17
N ALA A 6 16.03 -2.95 -18.41
CA ALA A 6 15.76 -4.32 -18.75
C ALA A 6 14.49 -4.77 -18.02
N ILE A 7 13.53 -5.28 -18.77
CA ILE A 7 12.26 -5.78 -18.23
C ILE A 7 12.37 -7.30 -18.19
N VAL A 8 12.66 -7.84 -17.01
CA VAL A 8 12.97 -9.26 -16.87
C VAL A 8 11.72 -9.93 -16.30
N ILE A 9 11.04 -10.70 -17.14
CA ILE A 9 9.73 -11.24 -16.79
C ILE A 9 9.89 -12.75 -16.59
N SER A 10 9.19 -13.29 -15.58
CA SER A 10 9.40 -14.68 -15.21
C SER A 10 8.94 -15.64 -16.30
N THR A 11 7.89 -15.27 -17.04
CA THR A 11 7.38 -16.07 -18.14
C THR A 11 6.52 -15.17 -18.99
N LEU A 12 6.15 -15.68 -20.16
CA LEU A 12 5.16 -15.02 -21.00
C LEU A 12 4.03 -15.98 -21.36
N ASN A 13 3.92 -17.11 -20.64
CA ASN A 13 3.02 -18.19 -20.99
C ASN A 13 1.59 -17.95 -20.53
N ASN A 14 1.26 -16.75 -20.07
CA ASN A 14 -0.02 -16.41 -19.47
C ASN A 14 -0.28 -14.91 -19.60
N PRO A 15 -1.52 -14.47 -19.86
CA PRO A 15 -1.72 -13.02 -20.11
C PRO A 15 -1.35 -12.10 -18.94
N TRP A 16 -1.39 -12.56 -17.70
CA TRP A 16 -1.00 -11.72 -16.58
C TRP A 16 0.44 -11.21 -16.72
N PHE A 17 1.38 -12.12 -17.05
CA PHE A 17 2.76 -11.67 -17.16
C PHE A 17 3.02 -10.88 -18.43
N VAL A 18 2.26 -11.19 -19.50
CA VAL A 18 2.35 -10.39 -20.71
C VAL A 18 2.01 -8.95 -20.41
N VAL A 19 0.94 -8.73 -19.63
CA VAL A 19 0.52 -7.36 -19.32
C VAL A 19 1.60 -6.65 -18.53
N LEU A 20 2.15 -7.31 -17.50
CA LEU A 20 3.22 -6.72 -16.72
C LEU A 20 4.37 -6.28 -17.62
N ALA A 21 4.81 -7.17 -18.51
CA ALA A 21 6.01 -6.93 -19.30
C ALA A 21 5.79 -5.79 -20.30
N GLU A 22 4.71 -5.85 -21.08
CA GLU A 22 4.50 -4.81 -22.07
C GLU A 22 4.24 -3.46 -21.43
N THR A 23 3.61 -3.45 -20.25
CA THR A 23 3.30 -2.19 -19.57
C THR A 23 4.57 -1.53 -19.05
N ALA A 24 5.46 -2.30 -18.42
CA ALA A 24 6.71 -1.73 -17.96
C ALA A 24 7.54 -1.20 -19.13
N LYS A 25 7.62 -1.97 -20.21
CA LYS A 25 8.37 -1.51 -21.38
C LYS A 25 7.79 -0.21 -21.91
N GLN A 26 6.46 -0.16 -22.03
CA GLN A 26 5.82 1.04 -22.59
C GLN A 26 6.07 2.25 -21.71
N ARG A 27 5.92 2.07 -20.39
CA ARG A 27 6.13 3.19 -19.48
C ARG A 27 7.58 3.67 -19.52
N ALA A 28 8.54 2.76 -19.58
CA ALA A 28 9.93 3.20 -19.63
C ALA A 28 10.15 4.09 -20.85
N GLU A 29 9.55 3.73 -21.97
CA GLU A 29 9.74 4.49 -23.19
C GLU A 29 9.02 5.82 -23.14
N GLN A 30 7.82 5.86 -22.52
CA GLN A 30 7.16 7.14 -22.29
C GLN A 30 8.00 8.07 -21.45
N LEU A 31 8.82 7.55 -20.52
CA LEU A 31 9.66 8.38 -19.66
C LEU A 31 11.07 8.62 -20.23
N GLY A 32 11.29 8.30 -21.51
CA GLY A 32 12.52 8.71 -22.18
C GLY A 32 13.61 7.68 -22.21
N TYR A 33 13.33 6.47 -21.77
CA TYR A 33 14.28 5.38 -21.71
C TYR A 33 14.06 4.42 -22.88
N GLU A 34 15.12 3.70 -23.24
CA GLU A 34 14.96 2.52 -24.06
C GLU A 34 14.67 1.34 -23.14
N ALA A 35 13.93 0.36 -23.64
CA ALA A 35 13.64 -0.80 -22.80
C ALA A 35 13.53 -2.05 -23.64
N THR A 36 13.84 -3.19 -23.03
CA THR A 36 13.82 -4.48 -23.70
C THR A 36 13.28 -5.52 -22.75
N ILE A 37 12.45 -6.42 -23.27
CA ILE A 37 11.86 -7.50 -22.48
C ILE A 37 12.69 -8.77 -22.63
N PHE A 38 13.03 -9.37 -21.49
CA PHE A 38 13.73 -10.65 -21.41
C PHE A 38 12.81 -11.68 -20.74
N ASP A 39 12.47 -12.75 -21.47
CA ASP A 39 11.58 -13.79 -20.96
C ASP A 39 12.41 -14.92 -20.31
N SER A 40 12.16 -15.20 -19.02
CA SER A 40 12.90 -16.28 -18.36
C SER A 40 12.30 -17.65 -18.61
N GLN A 41 11.08 -17.73 -19.18
CA GLN A 41 10.40 -19.00 -19.48
C GLN A 41 10.37 -19.94 -18.27
N ASN A 42 10.20 -19.35 -17.08
CA ASN A 42 10.10 -20.08 -15.82
C ASN A 42 11.35 -20.92 -15.57
N ASP A 43 12.51 -20.36 -15.90
CA ASP A 43 13.79 -21.06 -15.76
C ASP A 43 14.80 -20.10 -15.15
N THR A 44 15.24 -20.38 -13.92
CA THR A 44 16.20 -19.50 -13.27
C THR A 44 17.55 -19.50 -13.96
N ALA A 45 17.92 -20.60 -14.63
CA ALA A 45 19.15 -20.58 -15.43
C ALA A 45 19.04 -19.59 -16.59
N LYS A 46 17.90 -19.56 -17.27
CA LYS A 46 17.68 -18.60 -18.35
C LYS A 46 17.63 -17.17 -17.81
N GLU A 47 16.98 -16.99 -16.66
CA GLU A 47 17.02 -15.70 -15.98
C GLU A 47 18.45 -15.27 -15.70
N SER A 48 19.27 -16.16 -15.13
CA SER A 48 20.67 -15.83 -14.86
C SER A 48 21.42 -15.46 -16.14
N ALA A 49 21.22 -16.23 -17.21
CA ALA A 49 21.88 -15.91 -18.46
C ALA A 49 21.45 -14.52 -18.95
N HIS A 50 20.16 -14.19 -18.80
CA HIS A 50 19.73 -12.85 -19.16
C HIS A 50 20.43 -11.79 -18.31
N PHE A 51 20.53 -12.02 -16.99
CA PHE A 51 21.22 -11.08 -16.15
C PHE A 51 22.66 -10.90 -16.62
N ASP A 52 23.31 -11.97 -17.06
CA ASP A 52 24.65 -11.86 -17.60
C ASP A 52 24.67 -10.89 -18.77
N ALA A 53 23.75 -11.09 -19.72
CA ALA A 53 23.67 -10.22 -20.89
C ALA A 53 23.41 -8.78 -20.48
N ILE A 54 22.48 -8.60 -19.53
CA ILE A 54 22.06 -7.27 -19.10
C ILE A 54 23.21 -6.51 -18.46
N ILE A 55 23.98 -7.19 -17.59
CA ILE A 55 25.16 -6.57 -17.00
C ILE A 55 26.20 -6.26 -18.06
N ALA A 56 26.45 -7.21 -18.96
CA ALA A 56 27.47 -7.01 -19.98
C ALA A 56 27.13 -5.82 -20.88
N ALA A 57 25.84 -5.62 -21.16
CA ALA A 57 25.33 -4.56 -22.03
C ALA A 57 25.21 -3.21 -21.33
N GLY A 58 25.48 -3.14 -20.03
CA GLY A 58 25.51 -1.86 -19.34
C GLY A 58 24.15 -1.22 -19.16
N TYR A 59 23.12 -2.00 -18.82
CA TYR A 59 21.80 -1.46 -18.55
C TYR A 59 21.81 -0.62 -17.28
N ASP A 60 20.90 0.34 -17.22
CA ASP A 60 20.86 1.32 -16.14
C ASP A 60 19.97 0.90 -14.97
N ALA A 61 19.02 0.00 -15.19
CA ALA A 61 18.10 -0.45 -14.15
C ALA A 61 17.39 -1.70 -14.66
N ILE A 62 17.01 -2.56 -13.73
CA ILE A 62 16.27 -3.78 -14.01
C ILE A 62 14.89 -3.69 -13.36
N ILE A 63 13.86 -3.92 -14.15
CA ILE A 63 12.49 -4.11 -13.67
C ILE A 63 12.27 -5.61 -13.65
N PHE A 64 12.15 -6.20 -12.46
CA PHE A 64 12.41 -7.63 -12.29
C PHE A 64 11.17 -8.34 -11.76
N ASN A 65 10.79 -9.43 -12.43
CA ASN A 65 9.72 -10.31 -11.97
C ASN A 65 10.39 -11.66 -11.73
N PRO A 66 10.91 -11.93 -10.51
CA PRO A 66 11.77 -13.12 -10.29
C PRO A 66 11.06 -14.45 -10.56
N THR A 67 11.81 -15.41 -11.12
CA THR A 67 11.24 -16.76 -11.26
C THR A 67 11.05 -17.44 -9.91
N ASP A 68 11.93 -17.18 -8.95
CA ASP A 68 11.87 -17.87 -7.68
C ASP A 68 12.32 -16.94 -6.56
N ALA A 69 11.54 -16.86 -5.48
CA ALA A 69 11.88 -15.93 -4.41
C ALA A 69 13.19 -16.28 -3.73
N ASP A 70 13.63 -17.54 -3.81
CA ASP A 70 14.95 -17.94 -3.35
C ASP A 70 15.97 -18.03 -4.49
N GLY A 71 15.59 -18.69 -5.58
CA GLY A 71 16.54 -18.90 -6.67
C GLY A 71 17.04 -17.64 -7.34
N SER A 72 16.26 -16.54 -7.27
CA SER A 72 16.62 -15.30 -7.95
C SER A 72 17.51 -14.37 -7.12
N ILE A 73 17.78 -14.68 -5.85
CA ILE A 73 18.58 -13.79 -5.04
C ILE A 73 19.98 -13.63 -5.62
N ALA A 74 20.61 -14.76 -5.97
CA ALA A 74 21.93 -14.71 -6.58
C ALA A 74 21.96 -13.73 -7.76
N ASN A 75 20.91 -13.74 -8.59
CA ASN A 75 20.89 -12.83 -9.73
C ASN A 75 20.81 -11.36 -9.29
N VAL A 76 19.93 -11.05 -8.33
CA VAL A 76 19.89 -9.66 -7.85
C VAL A 76 21.20 -9.28 -7.20
N LYS A 77 21.82 -10.24 -6.48
CA LYS A 77 23.15 -10.02 -5.91
C LYS A 77 24.16 -9.68 -6.98
N ARG A 78 24.08 -10.35 -8.15
CA ARG A 78 25.06 -10.05 -9.20
C ARG A 78 24.80 -8.69 -9.83
N ALA A 79 23.53 -8.28 -9.94
CA ALA A 79 23.21 -6.95 -10.46
C ALA A 79 23.71 -5.87 -9.52
N LYS A 80 23.39 -6.01 -8.22
CA LYS A 80 23.97 -5.17 -7.18
C LYS A 80 25.49 -5.08 -7.30
N GLU A 81 26.19 -6.21 -7.41
CA GLU A 81 27.65 -6.11 -7.50
C GLU A 81 28.08 -5.40 -8.77
N ALA A 82 27.30 -5.54 -9.83
CA ALA A 82 27.57 -4.82 -11.08
C ALA A 82 27.20 -3.35 -11.01
N GLY A 83 26.54 -2.89 -9.94
CA GLY A 83 26.04 -1.52 -9.90
C GLY A 83 24.70 -1.26 -10.56
N ILE A 84 23.87 -2.27 -10.78
CA ILE A 84 22.61 -2.06 -11.49
C ILE A 84 21.45 -2.23 -10.51
N PRO A 85 20.65 -1.18 -10.27
CA PRO A 85 19.52 -1.30 -9.33
C PRO A 85 18.40 -2.17 -9.87
N VAL A 86 17.74 -2.88 -8.95
CA VAL A 86 16.70 -3.84 -9.26
C VAL A 86 15.39 -3.40 -8.59
N PHE A 87 14.29 -3.36 -9.37
CA PHE A 87 12.96 -3.05 -8.84
C PHE A 87 12.05 -4.25 -9.10
N CYS A 88 11.61 -4.93 -8.05
CA CYS A 88 10.79 -6.12 -8.21
C CYS A 88 9.31 -5.78 -8.37
N VAL A 89 8.62 -6.54 -9.20
CA VAL A 89 7.20 -6.29 -9.44
C VAL A 89 6.47 -7.63 -9.40
N ASP A 90 5.39 -7.68 -8.63
CA ASP A 90 4.49 -8.82 -8.49
C ASP A 90 5.09 -9.96 -7.67
N ARG A 91 6.25 -10.47 -8.07
CA ARG A 91 6.98 -11.43 -7.23
C ARG A 91 8.18 -10.73 -6.61
N GLY A 92 8.60 -11.24 -5.47
CA GLY A 92 9.74 -10.70 -4.74
C GLY A 92 10.84 -11.71 -4.51
N ILE A 93 11.86 -11.31 -3.74
CA ILE A 93 12.93 -12.21 -3.35
C ILE A 93 12.98 -12.28 -1.82
N ASN A 94 13.35 -13.45 -1.30
CA ASN A 94 13.41 -13.67 0.13
C ASN A 94 14.69 -13.14 0.75
N ALA A 95 15.12 -11.95 0.36
CA ALA A 95 16.28 -11.28 0.91
C ALA A 95 15.97 -9.80 1.00
N ARG A 96 16.53 -9.13 2.00
CA ARG A 96 16.36 -7.70 2.14
C ARG A 96 17.65 -6.95 1.86
N GLY A 97 17.50 -5.69 1.51
CA GLY A 97 18.64 -4.83 1.26
C GLY A 97 19.31 -5.01 -0.07
N LEU A 98 18.75 -5.85 -0.95
CA LEU A 98 19.35 -6.05 -2.26
C LEU A 98 18.56 -5.25 -3.30
N ALA A 99 17.31 -5.64 -3.55
CA ALA A 99 16.48 -4.83 -4.43
C ALA A 99 16.18 -3.49 -3.78
N VAL A 100 16.11 -2.44 -4.60
CA VAL A 100 15.74 -1.12 -4.10
C VAL A 100 14.31 -1.15 -3.56
N ALA A 101 13.40 -1.78 -4.29
CA ALA A 101 12.01 -1.87 -3.86
C ALA A 101 11.40 -3.13 -4.44
N GLN A 102 10.43 -3.67 -3.72
CA GLN A 102 9.68 -4.85 -4.14
C GLN A 102 8.19 -4.50 -4.10
N ILE A 103 7.57 -4.40 -5.26
CA ILE A 103 6.22 -3.89 -5.40
C ILE A 103 5.29 -5.07 -5.63
N TYR A 104 4.23 -5.17 -4.82
CA TYR A 104 3.36 -6.33 -4.91
C TYR A 104 1.94 -5.91 -4.51
N SER A 105 0.99 -6.76 -4.83
CA SER A 105 -0.42 -6.51 -4.56
C SER A 105 -0.77 -6.98 -3.15
N ASP A 106 -1.58 -6.18 -2.43
CA ASP A 106 -1.98 -6.46 -1.05
C ASP A 106 -2.98 -7.60 -0.94
N ASN A 107 -2.46 -8.83 -0.91
CA ASN A 107 -3.32 -10.02 -0.87
C ASN A 107 -4.12 -10.12 0.42
N TYR A 108 -3.51 -9.86 1.58
CA TYR A 108 -4.27 -9.97 2.82
C TYR A 108 -5.44 -9.00 2.84
N TYR A 109 -5.21 -7.75 2.45
CA TYR A 109 -6.29 -6.76 2.45
C TYR A 109 -7.45 -7.20 1.55
N GLY A 110 -7.13 -7.67 0.35
CA GLY A 110 -8.18 -8.18 -0.53
C GLY A 110 -8.93 -9.34 0.05
N GLY A 111 -8.25 -10.20 0.83
CA GLY A 111 -8.96 -11.29 1.48
C GLY A 111 -9.97 -10.76 2.49
N VAL A 112 -9.63 -9.68 3.19
CA VAL A 112 -10.56 -9.09 4.14
C VAL A 112 -11.77 -8.51 3.40
N LEU A 113 -11.53 -7.86 2.26
CA LEU A 113 -12.66 -7.27 1.54
C LEU A 113 -13.63 -8.36 1.05
N MET A 114 -13.10 -9.49 0.57
CA MET A 114 -13.99 -10.51 0.03
C MET A 114 -14.76 -11.21 1.14
N GLY A 115 -14.13 -11.41 2.30
CA GLY A 115 -14.87 -12.00 3.42
C GLY A 115 -16.08 -11.18 3.80
N GLU A 116 -15.93 -9.85 3.80
CA GLU A 116 -17.04 -8.97 4.16
C GLU A 116 -18.20 -9.13 3.18
N TYR A 117 -17.90 -9.09 1.88
CA TYR A 117 -18.95 -9.23 0.88
C TYR A 117 -19.54 -10.63 0.85
N PHE A 118 -18.70 -11.65 1.04
CA PHE A 118 -19.18 -13.02 1.19
C PHE A 118 -20.30 -13.11 2.19
N VAL A 119 -20.09 -12.49 3.35
CA VAL A 119 -21.10 -12.58 4.41
C VAL A 119 -22.32 -11.75 4.03
N LYS A 120 -22.11 -10.54 3.51
CA LYS A 120 -23.24 -9.68 3.16
C LYS A 120 -24.10 -10.31 2.08
N PHE A 121 -23.50 -10.61 0.91
CA PHE A 121 -24.22 -11.23 -0.21
C PHE A 121 -25.02 -12.45 0.24
N LEU A 122 -24.35 -13.39 0.90
CA LEU A 122 -25.02 -14.64 1.28
C LEU A 122 -25.98 -14.45 2.44
N LYS A 123 -25.78 -13.42 3.28
CA LYS A 123 -26.78 -13.12 4.30
C LYS A 123 -28.07 -12.59 3.67
N GLU A 124 -27.95 -11.78 2.62
CA GLU A 124 -29.13 -11.33 1.89
C GLU A 124 -29.82 -12.49 1.19
N LYS A 125 -29.08 -13.25 0.38
CA LYS A 125 -29.66 -14.38 -0.34
C LYS A 125 -30.12 -15.46 0.63
N LYS A 126 -29.27 -15.83 1.59
CA LYS A 126 -29.57 -16.84 2.61
C LYS A 126 -29.98 -18.17 1.99
N ALA B 16 -31.53 -19.06 6.17
CA ALA B 16 -30.67 -20.23 6.32
C ALA B 16 -29.92 -20.20 7.66
N LYS B 17 -30.35 -21.04 8.60
CA LYS B 17 -29.65 -21.16 9.88
C LYS B 17 -28.19 -21.59 9.66
N GLU B 18 -27.95 -22.51 8.73
CA GLU B 18 -26.62 -22.89 8.31
C GLU B 18 -26.48 -22.68 6.81
N ILE B 19 -25.33 -22.15 6.40
CA ILE B 19 -25.04 -21.98 4.99
C ILE B 19 -23.69 -22.64 4.67
N PRO B 20 -23.71 -23.82 4.06
CA PRO B 20 -22.46 -24.54 3.80
C PRO B 20 -21.78 -24.01 2.56
N TYR B 21 -20.45 -24.00 2.58
CA TYR B 21 -19.67 -23.51 1.46
C TYR B 21 -18.36 -24.29 1.36
N ALA B 22 -17.66 -24.07 0.25
CA ALA B 22 -16.38 -24.70 -0.01
C ALA B 22 -15.35 -23.62 -0.31
N GLU B 23 -14.08 -23.98 -0.11
CA GLU B 23 -12.97 -23.08 -0.40
C GLU B 23 -11.97 -23.79 -1.28
N LEU B 24 -11.62 -23.16 -2.40
CA LEU B 24 -10.50 -23.61 -3.23
C LEU B 24 -9.28 -22.79 -2.84
N LEU B 25 -8.28 -23.47 -2.27
CA LEU B 25 -7.03 -22.81 -1.94
C LEU B 25 -6.13 -22.75 -3.16
N GLY B 26 -5.23 -21.78 -3.17
CA GLY B 26 -4.17 -21.80 -4.16
C GLY B 26 -3.11 -22.84 -3.84
N ILE B 27 -1.95 -22.71 -4.47
CA ILE B 27 -0.84 -23.61 -4.18
C ILE B 27 -0.48 -23.50 -2.71
N LEU B 28 -0.46 -24.65 -2.03
CA LEU B 28 -0.30 -24.67 -0.58
C LEU B 28 1.03 -24.07 -0.13
N SER B 29 2.05 -24.13 -0.98
CA SER B 29 3.37 -23.62 -0.63
C SER B 29 3.56 -22.13 -0.92
N ALA B 30 2.60 -21.46 -1.54
CA ALA B 30 2.74 -20.07 -1.92
C ALA B 30 2.03 -19.15 -0.93
N GLN B 31 2.75 -18.15 -0.41
CA GLN B 31 2.17 -17.30 0.61
C GLN B 31 0.90 -16.56 0.18
N PRO B 32 0.72 -16.13 -1.08
CA PRO B 32 -0.56 -15.46 -1.40
C PRO B 32 -1.77 -16.33 -1.16
N THR B 33 -1.62 -17.66 -1.26
CA THR B 33 -2.70 -18.57 -0.91
C THR B 33 -3.22 -18.24 0.47
N TRP B 34 -2.29 -18.08 1.42
CA TRP B 34 -2.63 -17.94 2.82
C TRP B 34 -2.94 -16.51 3.20
N ASP B 35 -2.29 -15.52 2.58
CA ASP B 35 -2.69 -14.14 2.85
C ASP B 35 -4.14 -13.91 2.42
N ARG B 36 -4.53 -14.43 1.25
CA ARG B 36 -5.90 -14.31 0.80
C ARG B 36 -6.85 -15.14 1.66
N SER B 37 -6.52 -16.42 1.88
CA SER B 37 -7.40 -17.28 2.66
C SER B 37 -7.55 -16.77 4.09
N ASN B 38 -6.45 -16.37 4.72
CA ASN B 38 -6.53 -15.94 6.11
C ASN B 38 -7.24 -14.60 6.22
N GLY B 39 -7.06 -13.72 5.24
CA GLY B 39 -7.85 -12.49 5.19
C GLY B 39 -9.34 -12.77 5.12
N PHE B 40 -9.73 -13.68 4.22
CA PHE B 40 -11.13 -14.09 4.08
C PHE B 40 -11.66 -14.64 5.39
N HIS B 41 -10.96 -15.61 5.97
CA HIS B 41 -11.44 -16.28 7.17
C HIS B 41 -11.42 -15.37 8.39
N SER B 42 -10.52 -14.39 8.44
CA SER B 42 -10.55 -13.45 9.56
C SER B 42 -11.91 -12.75 9.68
N VAL B 43 -12.68 -12.67 8.60
CA VAL B 43 -14.02 -12.11 8.68
C VAL B 43 -15.05 -13.22 8.80
N VAL B 44 -15.03 -14.16 7.85
CA VAL B 44 -16.14 -15.10 7.68
C VAL B 44 -16.32 -15.96 8.93
N ASP B 45 -15.22 -16.30 9.60
CA ASP B 45 -15.29 -17.24 10.72
C ASP B 45 -16.03 -16.66 11.91
N GLN B 46 -16.16 -15.33 11.99
CA GLN B 46 -16.93 -14.74 13.09
C GLN B 46 -18.43 -14.80 12.87
N TYR B 47 -18.88 -15.38 11.76
CA TYR B 47 -20.31 -15.58 11.48
C TYR B 47 -20.57 -17.09 11.46
N PRO B 48 -21.07 -17.65 12.56
CA PRO B 48 -21.11 -19.12 12.69
C PRO B 48 -22.09 -19.82 11.74
N GLU B 49 -23.04 -19.10 11.15
CA GLU B 49 -23.95 -19.74 10.21
C GLU B 49 -23.22 -20.24 8.97
N PHE B 50 -22.11 -19.61 8.61
CA PHE B 50 -21.24 -20.08 7.53
C PHE B 50 -20.42 -21.27 8.02
N LYS B 51 -20.56 -22.41 7.36
CA LYS B 51 -19.82 -23.64 7.71
C LYS B 51 -19.03 -24.09 6.49
N MET B 52 -17.70 -24.03 6.59
CA MET B 52 -16.89 -24.51 5.50
C MET B 52 -16.91 -26.03 5.54
N VAL B 53 -17.60 -26.64 4.58
CA VAL B 53 -17.79 -28.09 4.57
C VAL B 53 -16.76 -28.81 3.71
N ALA B 54 -15.99 -28.07 2.91
CA ALA B 54 -14.93 -28.63 2.09
C ALA B 54 -13.89 -27.56 1.84
N GLN B 55 -12.62 -27.94 1.92
CA GLN B 55 -11.51 -27.03 1.70
C GLN B 55 -10.42 -27.83 1.02
N GLN B 56 -9.98 -27.35 -0.14
CA GLN B 56 -8.99 -28.13 -0.88
C GLN B 56 -8.22 -27.23 -1.84
N SER B 57 -6.95 -27.54 -2.03
CA SER B 57 -6.19 -26.82 -3.04
C SER B 57 -6.62 -27.23 -4.44
N ALA B 58 -6.64 -26.25 -5.35
CA ALA B 58 -6.73 -26.50 -6.78
C ALA B 58 -5.59 -25.78 -7.49
N GLU B 59 -4.51 -25.50 -6.76
CA GLU B 59 -3.22 -25.08 -7.32
C GLU B 59 -3.30 -23.84 -8.19
N PHE B 60 -4.21 -22.91 -7.89
CA PHE B 60 -4.37 -21.66 -8.64
C PHE B 60 -4.62 -21.93 -10.12
N ASP B 61 -5.11 -23.11 -10.46
CA ASP B 61 -5.18 -23.60 -11.82
C ASP B 61 -6.62 -23.89 -12.23
N ARG B 62 -6.98 -23.46 -13.44
CA ARG B 62 -8.35 -23.58 -13.92
C ARG B 62 -8.78 -25.04 -14.06
N ASP B 63 -8.02 -25.84 -14.81
CA ASP B 63 -8.42 -27.22 -15.05
C ASP B 63 -8.37 -28.07 -13.78
N THR B 64 -7.43 -27.79 -12.87
CA THR B 64 -7.45 -28.53 -11.60
C THR B 64 -8.69 -28.16 -10.80
N ALA B 65 -9.09 -26.89 -10.82
CA ALA B 65 -10.29 -26.46 -10.11
C ALA B 65 -11.54 -27.16 -10.64
N TYR B 66 -11.63 -27.35 -11.96
CA TYR B 66 -12.73 -28.13 -12.52
C TYR B 66 -12.79 -29.52 -11.89
N LYS B 67 -11.65 -30.21 -11.85
CA LYS B 67 -11.64 -31.59 -11.37
C LYS B 67 -11.93 -31.66 -9.87
N VAL B 68 -11.42 -30.69 -9.10
CA VAL B 68 -11.66 -30.67 -7.66
C VAL B 68 -13.11 -30.33 -7.36
N THR B 69 -13.62 -29.25 -7.99
CA THR B 69 -15.02 -28.88 -7.80
C THR B 69 -15.94 -30.04 -8.19
N GLU B 70 -15.64 -30.71 -9.30
CA GLU B 70 -16.41 -31.89 -9.70
C GLU B 70 -16.47 -32.91 -8.57
N GLN B 71 -15.32 -33.19 -7.96
CA GLN B 71 -15.32 -34.10 -6.81
C GLN B 71 -16.08 -33.50 -5.63
N ILE B 72 -15.96 -32.19 -5.42
CA ILE B 72 -16.63 -31.55 -4.28
C ILE B 72 -18.14 -31.61 -4.43
N LEU B 73 -18.64 -31.39 -5.65
CA LEU B 73 -20.07 -31.34 -5.87
C LEU B 73 -20.74 -32.69 -5.66
N GLN B 74 -20.06 -33.79 -6.00
CA GLN B 74 -20.62 -35.11 -5.74
C GLN B 74 -20.47 -35.53 -4.28
N ALA B 75 -19.59 -34.87 -3.52
CA ALA B 75 -19.39 -35.17 -2.12
C ALA B 75 -20.25 -34.31 -1.20
N HIS B 76 -20.24 -32.98 -1.43
CA HIS B 76 -21.01 -32.04 -0.62
C HIS B 76 -21.95 -31.25 -1.52
N PRO B 77 -23.06 -31.85 -1.97
CA PRO B 77 -24.04 -31.10 -2.75
C PRO B 77 -24.78 -30.03 -1.97
N GLU B 78 -24.67 -30.02 -0.63
CA GLU B 78 -25.38 -29.06 0.20
C GLU B 78 -24.77 -27.66 0.16
N ILE B 79 -23.63 -27.47 -0.52
CA ILE B 79 -22.98 -26.17 -0.52
C ILE B 79 -23.82 -25.16 -1.32
N LYS B 80 -23.78 -23.90 -0.86
CA LYS B 80 -24.44 -22.79 -1.55
C LYS B 80 -23.45 -21.78 -2.12
N ALA B 81 -22.16 -21.89 -1.78
CA ALA B 81 -21.15 -20.96 -2.25
C ALA B 81 -19.79 -21.66 -2.34
N ILE B 82 -18.92 -21.13 -3.19
CA ILE B 82 -17.53 -21.57 -3.30
C ILE B 82 -16.66 -20.33 -3.36
N TRP B 83 -15.73 -20.22 -2.42
CA TRP B 83 -14.74 -19.14 -2.40
C TRP B 83 -13.45 -19.69 -2.98
N CYS B 84 -12.86 -18.94 -3.91
CA CYS B 84 -11.68 -19.37 -4.64
C CYS B 84 -10.55 -18.36 -4.46
N GLY B 85 -9.35 -18.87 -4.17
CA GLY B 85 -8.19 -18.03 -3.98
C GLY B 85 -7.75 -17.26 -5.20
N ASN B 86 -8.18 -17.65 -6.41
CA ASN B 86 -7.97 -16.80 -7.57
C ASN B 86 -9.04 -17.09 -8.63
N ASP B 87 -9.03 -16.26 -9.67
CA ASP B 87 -10.09 -16.25 -10.67
C ASP B 87 -10.02 -17.48 -11.58
N ALA B 88 -8.81 -17.91 -11.94
CA ALA B 88 -8.66 -19.16 -12.71
C ALA B 88 -9.38 -20.30 -12.03
N MET B 89 -9.28 -20.35 -10.70
CA MET B 89 -9.92 -21.39 -9.91
C MET B 89 -11.44 -21.20 -9.89
N ALA B 90 -11.90 -19.95 -9.79
CA ALA B 90 -13.33 -19.67 -9.85
C ALA B 90 -13.92 -20.03 -11.22
N LEU B 91 -13.16 -19.78 -12.29
CA LEU B 91 -13.63 -20.15 -13.62
C LEU B 91 -13.79 -21.66 -13.75
N GLY B 92 -12.79 -22.42 -13.27
CA GLY B 92 -12.92 -23.88 -13.29
C GLY B 92 -14.11 -24.36 -12.47
N ALA B 93 -14.34 -23.74 -11.32
CA ALA B 93 -15.45 -24.15 -10.47
C ALA B 93 -16.78 -23.88 -11.16
N MET B 94 -16.89 -22.76 -11.87
CA MET B 94 -18.11 -22.45 -12.60
C MET B 94 -18.39 -23.49 -13.68
N LYS B 95 -17.38 -23.79 -14.51
CA LYS B 95 -17.57 -24.77 -15.58
C LYS B 95 -17.96 -26.13 -15.00
N ALA B 96 -17.42 -26.48 -13.83
CA ALA B 96 -17.78 -27.73 -13.17
C ALA B 96 -19.20 -27.66 -12.61
N CYS B 97 -19.60 -26.50 -12.06
CA CYS B 97 -20.97 -26.34 -11.57
C CYS B 97 -21.97 -26.46 -12.70
N GLU B 98 -21.72 -25.75 -13.82
CA GLU B 98 -22.67 -25.81 -14.93
C GLU B 98 -22.80 -27.22 -15.48
N ALA B 99 -21.68 -27.95 -15.59
CA ALA B 99 -21.72 -29.32 -16.09
C ALA B 99 -22.62 -30.20 -15.23
N ALA B 100 -22.62 -29.97 -13.91
CA ALA B 100 -23.45 -30.73 -13.00
C ALA B 100 -24.88 -30.20 -12.89
N GLY B 101 -25.17 -29.08 -13.54
CA GLY B 101 -26.45 -28.40 -13.38
C GLY B 101 -26.51 -27.47 -12.19
N ARG B 102 -25.41 -27.36 -11.43
CA ARG B 102 -25.36 -26.58 -10.18
C ARG B 102 -25.18 -25.09 -10.45
N THR B 103 -26.10 -24.53 -11.23
CA THR B 103 -26.05 -23.10 -11.54
C THR B 103 -26.49 -22.23 -10.36
N ASP B 104 -27.01 -22.83 -9.27
CA ASP B 104 -27.48 -22.13 -8.08
C ASP B 104 -26.34 -21.69 -7.16
N ILE B 105 -25.14 -22.22 -7.35
CA ILE B 105 -24.04 -22.01 -6.41
C ILE B 105 -23.37 -20.67 -6.70
N TYR B 106 -23.16 -19.86 -5.65
CA TYR B 106 -22.51 -18.56 -5.80
C TYR B 106 -21.00 -18.70 -5.66
N ILE B 107 -20.26 -18.18 -6.63
CA ILE B 107 -18.81 -18.33 -6.69
C ILE B 107 -18.14 -16.97 -6.55
N PHE B 108 -17.08 -16.92 -5.72
CA PHE B 108 -16.34 -15.70 -5.42
C PHE B 108 -14.85 -15.93 -5.70
N GLY B 109 -14.21 -14.93 -6.31
CA GLY B 109 -12.81 -15.08 -6.72
C GLY B 109 -11.88 -13.95 -6.31
N PHE B 110 -10.75 -13.87 -6.99
CA PHE B 110 -9.71 -12.92 -6.63
C PHE B 110 -8.81 -12.77 -7.85
N ASP B 111 -8.64 -11.54 -8.34
CA ASP B 111 -7.62 -11.09 -9.30
C ASP B 111 -8.16 -9.95 -10.14
N GLY B 112 -9.40 -10.06 -10.57
CA GLY B 112 -9.97 -9.16 -11.55
C GLY B 112 -9.74 -9.57 -12.99
N ALA B 113 -9.58 -10.87 -13.24
CA ALA B 113 -9.32 -11.33 -14.61
C ALA B 113 -10.49 -11.01 -15.53
N GLU B 114 -10.16 -10.60 -16.75
CA GLU B 114 -11.18 -10.22 -17.73
C GLU B 114 -12.31 -11.24 -17.76
N ASP B 115 -11.96 -12.52 -17.80
CA ASP B 115 -12.98 -13.56 -17.94
C ASP B 115 -13.92 -13.60 -16.75
N VAL B 116 -13.42 -13.33 -15.55
CA VAL B 116 -14.30 -13.26 -14.38
C VAL B 116 -15.12 -11.98 -14.40
N ILE B 117 -14.48 -10.85 -14.75
CA ILE B 117 -15.21 -9.59 -14.91
C ILE B 117 -16.37 -9.76 -15.89
N ASN B 118 -16.14 -10.41 -17.03
CA ASN B 118 -17.22 -10.60 -18.00
C ASN B 118 -18.29 -11.53 -17.46
N ALA B 119 -17.88 -12.57 -16.73
CA ALA B 119 -18.83 -13.48 -16.11
C ALA B 119 -19.69 -12.76 -15.08
N ILE B 120 -19.11 -11.81 -14.35
CA ILE B 120 -19.87 -11.09 -13.32
C ILE B 120 -20.90 -10.18 -13.99
N LYS B 121 -20.48 -9.44 -15.02
CA LYS B 121 -21.37 -8.47 -15.64
C LYS B 121 -22.48 -9.13 -16.46
N GLU B 122 -22.26 -10.35 -16.94
CA GLU B 122 -23.25 -11.12 -17.69
C GLU B 122 -24.11 -12.00 -16.80
N GLY B 123 -23.99 -11.84 -15.47
CA GLY B 123 -24.88 -12.51 -14.54
C GLY B 123 -24.70 -14.00 -14.38
N LYS B 124 -23.49 -14.53 -14.62
CA LYS B 124 -23.27 -15.93 -14.28
C LYS B 124 -23.14 -16.07 -12.76
N GLN B 125 -22.90 -17.31 -12.31
CA GLN B 125 -22.91 -17.58 -10.87
C GLN B 125 -21.64 -17.12 -10.15
N ILE B 126 -20.63 -16.62 -10.88
CA ILE B 126 -19.54 -15.86 -10.25
C ILE B 126 -20.06 -14.45 -10.00
N VAL B 127 -20.02 -14.00 -8.75
CA VAL B 127 -20.71 -12.77 -8.37
C VAL B 127 -19.78 -11.71 -7.79
N ALA B 128 -18.49 -12.00 -7.62
CA ALA B 128 -17.57 -11.02 -7.02
C ALA B 128 -16.13 -11.46 -7.25
N THR B 129 -15.22 -10.48 -7.30
CA THR B 129 -13.78 -10.74 -7.31
C THR B 129 -13.09 -9.55 -6.64
N ILE B 130 -11.77 -9.63 -6.55
CA ILE B 130 -10.94 -8.54 -6.00
C ILE B 130 -10.04 -8.07 -7.14
N MET B 131 -10.18 -6.79 -7.50
CA MET B 131 -9.41 -6.15 -8.55
C MET B 131 -8.00 -5.83 -8.10
N GLN B 132 -7.02 -6.40 -8.79
CA GLN B 132 -5.65 -5.93 -8.67
C GLN B 132 -5.38 -4.89 -9.75
N PHE B 133 -4.29 -4.15 -9.60
CA PHE B 133 -3.89 -3.12 -10.56
C PHE B 133 -2.48 -3.41 -11.09
N PRO B 134 -2.31 -4.44 -11.91
CA PRO B 134 -0.95 -4.79 -12.34
C PRO B 134 -0.30 -3.73 -13.23
N LYS B 135 -1.08 -3.02 -14.06
CA LYS B 135 -0.47 -1.95 -14.84
C LYS B 135 0.11 -0.89 -13.93
N LEU B 136 -0.58 -0.56 -12.84
CA LEU B 136 -0.06 0.46 -11.96
C LEU B 136 1.22 -0.01 -11.26
N MET B 137 1.28 -1.28 -10.85
CA MET B 137 2.53 -1.68 -10.21
C MET B 137 3.68 -1.81 -11.19
N ALA B 138 3.42 -2.25 -12.41
CA ALA B 138 4.50 -2.27 -13.40
C ALA B 138 5.01 -0.86 -13.68
N ARG B 139 4.07 0.11 -13.85
CA ARG B 139 4.48 1.48 -14.09
C ARG B 139 5.20 2.08 -12.88
N LEU B 140 4.77 1.74 -11.67
CA LEU B 140 5.42 2.26 -10.46
C LEU B 140 6.89 1.85 -10.40
N ALA B 141 7.19 0.59 -10.73
CA ALA B 141 8.57 0.16 -10.69
C ALA B 141 9.41 0.96 -11.66
N VAL B 142 8.85 1.27 -12.84
CA VAL B 142 9.54 2.08 -13.84
C VAL B 142 9.67 3.52 -13.37
N GLU B 143 8.59 4.07 -12.81
CA GLU B 143 8.63 5.45 -12.32
C GLU B 143 9.65 5.60 -11.21
N TRP B 144 9.73 4.61 -10.31
CA TRP B 144 10.69 4.70 -9.22
C TRP B 144 12.13 4.48 -9.73
N ALA B 145 12.33 3.58 -10.69
CA ALA B 145 13.65 3.49 -11.33
C ALA B 145 14.09 4.83 -11.91
N ASP B 146 13.19 5.50 -12.65
CA ASP B 146 13.45 6.83 -13.18
C ASP B 146 13.87 7.79 -12.06
N GLN B 147 13.05 7.88 -11.00
CA GLN B 147 13.39 8.74 -9.86
C GLN B 147 14.75 8.39 -9.28
N TYR B 148 15.04 7.09 -9.16
CA TYR B 148 16.33 6.64 -8.65
C TYR B 148 17.48 7.10 -9.55
N LEU B 149 17.39 6.82 -10.84
CA LEU B 149 18.46 7.23 -11.74
C LEU B 149 18.62 8.75 -11.76
N ARG B 150 17.58 9.49 -11.42
CA ARG B 150 17.66 10.94 -11.25
C ARG B 150 18.20 11.35 -9.89
N GLY B 151 18.50 10.40 -9.00
CA GLY B 151 19.17 10.75 -7.77
C GLY B 151 18.53 10.28 -6.47
N GLU B 152 17.26 9.87 -6.52
CA GLU B 152 16.52 9.53 -5.30
C GLU B 152 17.02 8.21 -4.73
N ARG B 153 17.22 8.19 -3.42
CA ARG B 153 17.64 6.99 -2.70
C ARG B 153 16.68 6.60 -1.59
N SER B 154 15.62 7.37 -1.33
CA SER B 154 14.73 7.12 -0.19
C SER B 154 13.47 6.42 -0.69
N PHE B 155 13.46 5.08 -0.62
CA PHE B 155 12.34 4.27 -1.08
C PHE B 155 12.08 3.22 -0.03
N PRO B 156 10.82 2.94 0.31
CA PRO B 156 10.55 1.75 1.11
C PRO B 156 10.89 0.50 0.30
N GLU B 157 11.39 -0.54 0.98
CA GLU B 157 11.75 -1.73 0.21
C GLU B 157 10.51 -2.58 -0.08
N ILE B 158 9.57 -2.63 0.86
CA ILE B 158 8.41 -3.50 0.75
C ILE B 158 7.21 -2.60 0.47
N VAL B 159 6.64 -2.73 -0.73
CA VAL B 159 5.64 -1.78 -1.20
C VAL B 159 4.38 -2.52 -1.60
N PRO B 160 3.40 -2.62 -0.71
CA PRO B 160 2.10 -3.17 -1.11
C PRO B 160 1.29 -2.13 -1.89
N VAL B 161 0.62 -2.61 -2.93
CA VAL B 161 -0.29 -1.80 -3.77
C VAL B 161 -1.70 -2.27 -3.51
N THR B 162 -2.63 -1.32 -3.31
CA THR B 162 -3.94 -1.70 -2.81
C THR B 162 -4.79 -2.36 -3.89
N VAL B 163 -5.95 -2.87 -3.46
CA VAL B 163 -6.89 -3.63 -4.28
C VAL B 163 -8.30 -3.10 -3.98
N GLU B 164 -9.30 -3.53 -4.78
CA GLU B 164 -10.69 -3.09 -4.61
C GLU B 164 -11.64 -4.25 -4.84
N LEU B 165 -12.75 -4.25 -4.11
CA LEU B 165 -13.81 -5.23 -4.30
C LEU B 165 -14.64 -4.94 -5.56
N VAL B 166 -14.91 -6.00 -6.35
CA VAL B 166 -15.72 -5.91 -7.56
C VAL B 166 -16.98 -6.77 -7.39
N THR B 167 -18.15 -6.15 -7.54
CA THR B 167 -19.42 -6.81 -7.29
C THR B 167 -20.37 -6.62 -8.48
N ARG B 168 -21.49 -7.33 -8.42
CA ARG B 168 -22.58 -7.09 -9.35
C ARG B 168 -23.09 -5.66 -9.25
N GLU B 169 -22.95 -5.04 -8.07
CA GLU B 169 -23.54 -3.73 -7.80
C GLU B 169 -22.64 -2.58 -8.22
N ASN B 170 -21.34 -2.81 -8.41
CA ASN B 170 -20.45 -1.76 -8.89
C ASN B 170 -19.71 -2.16 -10.16
N ILE B 171 -20.17 -3.20 -10.86
CA ILE B 171 -19.39 -3.78 -11.95
C ILE B 171 -19.16 -2.75 -13.05
N ASP B 172 -20.11 -1.82 -13.25
CA ASP B 172 -19.99 -0.79 -14.28
C ASP B 172 -18.80 0.13 -14.06
N LYS B 173 -18.34 0.30 -12.81
CA LYS B 173 -17.12 1.05 -12.58
C LYS B 173 -15.91 0.37 -13.21
N TYR B 174 -15.95 -0.95 -13.39
CA TYR B 174 -14.80 -1.72 -13.86
C TYR B 174 -14.94 -2.18 -15.30
N THR B 175 -15.99 -1.73 -16.01
CA THR B 175 -16.17 -2.04 -17.42
C THR B 175 -16.40 -0.77 -18.25
N ALA B 176 -16.06 0.39 -17.70
CA ALA B 176 -16.28 1.67 -18.39
C ALA B 176 -15.07 2.08 -19.25
N MET C 1 3.44 22.45 -24.24
CA MET C 1 3.88 21.24 -23.54
C MET C 1 2.94 20.06 -23.80
N LYS C 2 3.03 19.03 -22.97
CA LYS C 2 1.99 18.01 -22.95
C LYS C 2 0.68 18.53 -22.34
N GLY C 3 0.72 19.71 -21.72
CA GLY C 3 -0.35 20.22 -20.92
C GLY C 3 0.22 20.86 -19.67
N LYS C 4 -0.66 21.22 -18.75
CA LYS C 4 -0.22 21.92 -17.56
C LYS C 4 -0.99 21.40 -16.35
N MET C 5 -0.33 21.44 -15.21
CA MET C 5 -0.84 20.76 -14.04
C MET C 5 -0.88 21.81 -12.94
N ALA C 6 -2.02 21.93 -12.26
CA ALA C 6 -2.19 22.89 -11.18
C ALA C 6 -1.95 22.21 -9.84
N ILE C 7 -0.98 22.71 -9.08
CA ILE C 7 -0.63 22.13 -7.78
C ILE C 7 -1.31 22.96 -6.71
N VAL C 8 -2.40 22.46 -6.13
CA VAL C 8 -3.22 23.25 -5.21
C VAL C 8 -2.91 22.76 -3.80
N ILE C 9 -2.22 23.60 -3.05
CA ILE C 9 -1.66 23.23 -1.75
C ILE C 9 -2.39 24.02 -0.68
N SER C 10 -2.67 23.37 0.45
CA SER C 10 -3.49 24.03 1.47
C SER C 10 -2.75 25.21 2.08
N THR C 11 -1.44 25.11 2.23
CA THR C 11 -0.65 26.22 2.74
C THR C 11 0.80 26.03 2.33
N LEU C 12 1.57 27.11 2.41
CA LEU C 12 3.01 27.04 2.18
C LEU C 12 3.81 27.49 3.40
N ASN C 13 3.17 27.77 4.52
CA ASN C 13 3.88 28.23 5.71
C ASN C 13 4.17 27.07 6.67
N ASN C 14 4.80 26.03 6.12
CA ASN C 14 5.14 24.79 6.82
C ASN C 14 5.94 23.91 5.87
N PRO C 15 7.19 23.58 6.21
CA PRO C 15 8.06 22.87 5.27
C PRO C 15 7.48 21.57 4.71
N TRP C 16 6.65 20.86 5.49
CA TRP C 16 6.04 19.64 4.99
C TRP C 16 5.19 19.89 3.74
N PHE C 17 4.40 20.97 3.74
CA PHE C 17 3.59 21.28 2.57
C PHE C 17 4.41 21.88 1.44
N VAL C 18 5.46 22.63 1.78
CA VAL C 18 6.36 23.13 0.75
C VAL C 18 7.02 21.97 0.02
N VAL C 19 7.44 20.94 0.77
CA VAL C 19 8.08 19.78 0.14
C VAL C 19 7.10 19.11 -0.83
N LEU C 20 5.86 18.92 -0.39
CA LEU C 20 4.85 18.32 -1.26
C LEU C 20 4.67 19.12 -2.53
N ALA C 21 4.43 20.43 -2.39
CA ALA C 21 4.14 21.29 -3.54
C ALA C 21 5.32 21.33 -4.51
N GLU C 22 6.51 21.64 -4.01
CA GLU C 22 7.67 21.79 -4.90
C GLU C 22 8.06 20.46 -5.54
N THR C 23 7.85 19.35 -4.82
CA THR C 23 8.12 18.04 -5.40
C THR C 23 7.14 17.71 -6.52
N ALA C 24 5.85 18.01 -6.30
CA ALA C 24 4.87 17.76 -7.35
C ALA C 24 5.16 18.61 -8.58
N LYS C 25 5.54 19.86 -8.37
CA LYS C 25 5.87 20.75 -9.48
C LYS C 25 7.06 20.21 -10.28
N GLN C 26 8.12 19.79 -9.58
CA GLN C 26 9.29 19.31 -10.29
C GLN C 26 8.99 18.04 -11.07
N ARG C 27 8.28 17.09 -10.47
CA ARG C 27 8.00 15.85 -11.16
C ARG C 27 7.11 16.10 -12.37
N ALA C 28 6.18 17.04 -12.27
CA ALA C 28 5.36 17.38 -13.45
C ALA C 28 6.22 17.88 -14.59
N GLU C 29 7.21 18.72 -14.30
CA GLU C 29 8.08 19.21 -15.36
C GLU C 29 8.97 18.10 -15.93
N GLN C 30 9.41 17.16 -15.09
CA GLN C 30 10.23 16.06 -15.60
C GLN C 30 9.43 15.18 -16.55
N LEU C 31 8.12 15.13 -16.36
CA LEU C 31 7.21 14.34 -17.17
C LEU C 31 6.65 15.13 -18.35
N GLY C 32 7.19 16.32 -18.60
CA GLY C 32 6.89 17.03 -19.82
C GLY C 32 5.77 18.05 -19.72
N TYR C 33 5.26 18.32 -18.52
CA TYR C 33 4.18 19.26 -18.31
C TYR C 33 4.72 20.58 -17.73
N GLU C 34 3.93 21.63 -17.89
CA GLU C 34 4.12 22.84 -17.11
C GLU C 34 3.35 22.66 -15.81
N ALA C 35 3.79 23.36 -14.78
CA ALA C 35 3.13 23.23 -13.48
C ALA C 35 3.25 24.53 -12.71
N THR C 36 2.21 24.85 -11.94
CA THR C 36 2.13 26.10 -11.21
C THR C 36 1.51 25.79 -9.86
N ILE C 37 2.10 26.34 -8.80
CA ILE C 37 1.60 26.10 -7.44
C ILE C 37 0.60 27.19 -7.09
N PHE C 38 -0.52 26.78 -6.50
CA PHE C 38 -1.56 27.69 -6.02
C PHE C 38 -1.66 27.50 -4.52
N ASP C 39 -1.42 28.58 -3.78
CA ASP C 39 -1.39 28.54 -2.32
C ASP C 39 -2.76 28.98 -1.79
N SER C 40 -3.43 28.08 -1.07
CA SER C 40 -4.73 28.38 -0.49
C SER C 40 -4.62 29.10 0.85
N GLN C 41 -3.44 29.10 1.47
CA GLN C 41 -3.21 29.72 2.76
C GLN C 41 -4.27 29.35 3.80
N ASN C 42 -4.50 28.04 3.91
CA ASN C 42 -5.41 27.48 4.93
C ASN C 42 -6.81 28.11 4.87
N ASP C 43 -7.26 28.50 3.67
CA ASP C 43 -8.51 29.25 3.54
C ASP C 43 -9.31 28.67 2.37
N THR C 44 -10.47 28.08 2.67
CA THR C 44 -11.27 27.43 1.64
C THR C 44 -11.69 28.42 0.56
N ALA C 45 -11.96 29.67 0.96
CA ALA C 45 -12.40 30.68 0.01
C ALA C 45 -11.35 30.93 -1.06
N LYS C 46 -10.08 31.13 -0.66
CA LYS C 46 -9.00 31.31 -1.63
C LYS C 46 -8.81 30.06 -2.47
N GLU C 47 -8.91 28.88 -1.84
CA GLU C 47 -8.92 27.61 -2.58
C GLU C 47 -10.01 27.64 -3.65
N SER C 48 -11.22 28.09 -3.28
CA SER C 48 -12.32 28.19 -4.21
C SER C 48 -12.01 29.18 -5.34
N ALA C 49 -11.31 30.27 -5.02
CA ALA C 49 -10.99 31.25 -6.06
C ALA C 49 -9.92 30.71 -6.98
N HIS C 50 -8.92 30.03 -6.42
CA HIS C 50 -7.89 29.41 -7.24
C HIS C 50 -8.50 28.40 -8.20
N PHE C 51 -9.52 27.66 -7.76
CA PHE C 51 -10.18 26.70 -8.64
C PHE C 51 -10.84 27.41 -9.81
N ASP C 52 -11.38 28.60 -9.59
CA ASP C 52 -11.96 29.33 -10.71
C ASP C 52 -10.88 29.78 -11.68
N ALA C 53 -9.78 30.31 -11.15
CA ALA C 53 -8.64 30.66 -12.01
C ALA C 53 -8.13 29.46 -12.78
N ILE C 54 -8.07 28.29 -12.11
CA ILE C 54 -7.55 27.08 -12.75
C ILE C 54 -8.50 26.59 -13.83
N ILE C 55 -9.80 26.68 -13.59
CA ILE C 55 -10.77 26.31 -14.62
C ILE C 55 -10.71 27.29 -15.79
N ALA C 56 -10.69 28.61 -15.51
CA ALA C 56 -10.58 29.59 -16.57
C ALA C 56 -9.32 29.38 -17.41
N ALA C 57 -8.23 28.93 -16.77
CA ALA C 57 -6.97 28.74 -17.47
C ALA C 57 -6.93 27.46 -18.31
N GLY C 58 -7.88 26.56 -18.10
CA GLY C 58 -7.90 25.32 -18.87
C GLY C 58 -6.78 24.36 -18.48
N TYR C 59 -6.53 24.21 -17.19
CA TYR C 59 -5.54 23.23 -16.76
C TYR C 59 -6.00 21.82 -17.11
N ASP C 60 -5.02 20.93 -17.30
CA ASP C 60 -5.33 19.56 -17.68
C ASP C 60 -5.53 18.64 -16.48
N ALA C 61 -4.94 18.94 -15.33
CA ALA C 61 -5.13 18.12 -14.15
C ALA C 61 -4.79 18.95 -12.93
N ILE C 62 -5.36 18.55 -11.79
CA ILE C 62 -5.18 19.23 -10.52
C ILE C 62 -4.62 18.23 -9.53
N ILE C 63 -3.46 18.54 -8.97
CA ILE C 63 -2.92 17.80 -7.82
C ILE C 63 -3.34 18.57 -6.58
N PHE C 64 -4.17 17.95 -5.74
CA PHE C 64 -4.99 18.67 -4.77
C PHE C 64 -4.68 18.26 -3.33
N ASN C 65 -4.33 19.23 -2.51
CA ASN C 65 -4.18 19.05 -1.06
C ASN C 65 -5.26 19.89 -0.39
N PRO C 66 -6.43 19.33 -0.10
CA PRO C 66 -7.58 20.15 0.32
C PRO C 66 -7.40 20.79 1.69
N THR C 67 -8.01 21.96 1.85
CA THR C 67 -8.03 22.63 3.15
C THR C 67 -8.96 21.92 4.13
N ASP C 68 -10.06 21.35 3.64
CA ASP C 68 -11.04 20.75 4.54
C ASP C 68 -11.64 19.51 3.89
N ALA C 69 -11.73 18.43 4.67
CA ALA C 69 -12.31 17.19 4.16
C ALA C 69 -13.75 17.40 3.69
N ASP C 70 -14.46 18.38 4.25
CA ASP C 70 -15.82 18.65 3.81
C ASP C 70 -15.92 19.87 2.92
N GLY C 71 -15.29 20.98 3.30
CA GLY C 71 -15.47 22.21 2.54
C GLY C 71 -14.87 22.20 1.15
N SER C 72 -13.97 21.26 0.88
CA SER C 72 -13.31 21.16 -0.41
C SER C 72 -14.03 20.24 -1.38
N ILE C 73 -15.15 19.64 -0.97
CA ILE C 73 -15.87 18.72 -1.84
C ILE C 73 -16.41 19.47 -3.06
N ALA C 74 -17.04 20.63 -2.84
CA ALA C 74 -17.67 21.34 -3.94
C ALA C 74 -16.66 21.82 -4.97
N ASN C 75 -15.42 22.09 -4.54
CA ASN C 75 -14.38 22.49 -5.49
C ASN C 75 -13.99 21.34 -6.40
N VAL C 76 -13.85 20.13 -5.84
CA VAL C 76 -13.54 18.97 -6.68
C VAL C 76 -14.70 18.70 -7.65
N LYS C 77 -15.94 18.86 -7.16
CA LYS C 77 -17.07 18.59 -8.03
C LYS C 77 -17.11 19.58 -9.19
N ARG C 78 -16.80 20.85 -8.90
CA ARG C 78 -16.79 21.89 -9.93
C ARG C 78 -15.74 21.60 -11.00
N ALA C 79 -14.55 21.16 -10.57
CA ALA C 79 -13.52 20.76 -11.51
C ALA C 79 -13.96 19.58 -12.35
N LYS C 80 -14.69 18.63 -11.74
CA LYS C 80 -15.21 17.50 -12.49
C LYS C 80 -16.20 17.95 -13.55
N GLU C 81 -17.10 18.86 -13.19
CA GLU C 81 -18.03 19.42 -14.16
C GLU C 81 -17.28 20.00 -15.36
N ALA C 82 -16.14 20.66 -15.10
CA ALA C 82 -15.35 21.29 -16.15
C ALA C 82 -14.43 20.32 -16.89
N GLY C 83 -14.44 19.04 -16.52
CA GLY C 83 -13.64 18.07 -17.23
C GLY C 83 -12.18 18.01 -16.83
N ILE C 84 -11.87 18.47 -15.62
CA ILE C 84 -10.50 18.52 -15.11
C ILE C 84 -10.38 17.51 -13.97
N PRO C 85 -9.56 16.47 -14.12
CA PRO C 85 -9.44 15.45 -13.07
C PRO C 85 -8.64 15.96 -11.87
N VAL C 86 -8.97 15.42 -10.70
CA VAL C 86 -8.37 15.81 -9.43
C VAL C 86 -7.70 14.60 -8.79
N PHE C 87 -6.44 14.74 -8.39
CA PHE C 87 -5.73 13.71 -7.66
C PHE C 87 -5.36 14.30 -6.31
N CYS C 88 -6.00 13.80 -5.26
CA CYS C 88 -5.71 14.30 -3.91
C CYS C 88 -4.42 13.71 -3.35
N VAL C 89 -3.70 14.52 -2.59
CA VAL C 89 -2.43 14.10 -1.98
C VAL C 89 -2.42 14.57 -0.53
N ASP C 90 -2.01 13.67 0.39
CA ASP C 90 -1.81 13.93 1.82
C ASP C 90 -3.11 14.10 2.60
N ARG C 91 -3.97 15.01 2.16
CA ARG C 91 -5.33 15.09 2.71
C ARG C 91 -6.33 14.62 1.66
N GLY C 92 -7.49 14.18 2.13
CA GLY C 92 -8.54 13.76 1.22
C GLY C 92 -9.86 14.48 1.43
N ILE C 93 -10.91 14.04 0.73
CA ILE C 93 -12.24 14.61 0.87
C ILE C 93 -13.21 13.50 1.23
N ASN C 94 -14.26 13.87 1.99
CA ASN C 94 -15.24 12.90 2.51
C ASN C 94 -16.26 12.48 1.46
N ALA C 95 -15.81 12.27 0.23
CA ALA C 95 -16.67 11.88 -0.87
C ALA C 95 -15.94 10.81 -1.67
N ARG C 96 -16.71 9.89 -2.25
CA ARG C 96 -16.17 8.90 -3.17
C ARG C 96 -16.67 9.16 -4.59
N GLY C 97 -15.90 8.71 -5.57
CA GLY C 97 -16.30 8.81 -6.97
C GLY C 97 -16.12 10.17 -7.61
N LEU C 98 -15.49 11.12 -6.92
CA LEU C 98 -15.26 12.46 -7.48
C LEU C 98 -13.80 12.62 -7.88
N ALA C 99 -12.91 12.61 -6.88
CA ALA C 99 -11.48 12.54 -7.19
C ALA C 99 -11.17 11.20 -7.84
N VAL C 100 -10.26 11.23 -8.82
CA VAL C 100 -9.80 9.98 -9.42
C VAL C 100 -9.11 9.12 -8.38
N ALA C 101 -8.26 9.73 -7.56
CA ALA C 101 -7.51 9.01 -6.54
C ALA C 101 -7.24 9.95 -5.38
N GLN C 102 -7.13 9.37 -4.19
CA GLN C 102 -6.82 10.09 -2.96
C GLN C 102 -5.63 9.39 -2.30
N ILE C 103 -4.47 10.03 -2.39
CA ILE C 103 -3.19 9.42 -2.02
C ILE C 103 -2.78 9.97 -0.67
N TYR C 104 -2.41 9.09 0.26
CA TYR C 104 -2.13 9.52 1.63
C TYR C 104 -1.04 8.61 2.22
N SER C 105 -0.28 9.14 3.18
CA SER C 105 0.72 8.32 3.87
C SER C 105 0.04 7.42 4.90
N ASP C 106 0.52 6.18 4.99
CA ASP C 106 -0.18 5.12 5.72
C ASP C 106 0.13 5.24 7.21
N ASN C 107 -0.44 6.27 7.83
CA ASN C 107 -0.23 6.52 9.26
C ASN C 107 -0.70 5.36 10.12
N TYR C 108 -1.78 4.68 9.72
CA TYR C 108 -2.30 3.57 10.54
C TYR C 108 -1.35 2.39 10.56
N TYR C 109 -0.86 1.99 9.38
CA TYR C 109 0.11 0.91 9.30
C TYR C 109 1.38 1.24 10.06
N GLY C 110 1.83 2.50 9.97
CA GLY C 110 2.97 2.90 10.79
C GLY C 110 2.71 2.68 12.27
N GLY C 111 1.50 2.99 12.75
CA GLY C 111 1.15 2.66 14.12
C GLY C 111 1.23 1.17 14.40
N VAL C 112 0.73 0.35 13.46
CA VAL C 112 0.78 -1.10 13.66
C VAL C 112 2.23 -1.58 13.69
N LEU C 113 3.10 -0.97 12.88
CA LEU C 113 4.49 -1.40 12.86
C LEU C 113 5.22 -0.98 14.14
N MET C 114 4.94 0.24 14.62
CA MET C 114 5.51 0.67 15.90
C MET C 114 4.92 -0.10 17.06
N GLY C 115 3.61 -0.32 17.08
CA GLY C 115 3.04 -1.20 18.09
C GLY C 115 3.75 -2.54 18.14
N GLU C 116 3.95 -3.15 16.97
CA GLU C 116 4.67 -4.42 16.92
C GLU C 116 6.08 -4.30 17.48
N TYR C 117 6.81 -3.25 17.12
CA TYR C 117 8.18 -3.13 17.60
C TYR C 117 8.24 -2.72 19.08
N PHE C 118 7.36 -1.81 19.50
CA PHE C 118 7.20 -1.49 20.92
C PHE C 118 7.10 -2.75 21.77
N VAL C 119 6.21 -3.66 21.37
CA VAL C 119 5.99 -4.86 22.15
C VAL C 119 7.23 -5.77 22.11
N LYS C 120 7.83 -5.92 20.93
CA LYS C 120 8.97 -6.82 20.81
C LYS C 120 10.18 -6.29 21.58
N PHE C 121 10.54 -5.03 21.34
CA PHE C 121 11.67 -4.41 22.05
C PHE C 121 11.49 -4.49 23.57
N LEU C 122 10.33 -4.08 24.08
CA LEU C 122 10.17 -4.00 25.53
C LEU C 122 10.06 -5.39 26.17
N LYS C 123 9.40 -6.33 25.51
CA LYS C 123 9.18 -7.64 26.13
C LYS C 123 10.52 -8.37 26.07
N GLU D 11 14.27 -7.15 23.79
CA GLU D 11 13.76 -8.01 24.84
C GLU D 11 14.20 -7.58 26.25
N LYS D 12 13.71 -6.42 26.71
CA LYS D 12 14.25 -5.77 27.91
C LYS D 12 13.62 -6.27 29.20
N TYR D 13 12.31 -6.49 29.22
CA TYR D 13 11.58 -6.84 30.44
C TYR D 13 10.78 -8.13 30.21
N PRO D 14 11.47 -9.25 29.98
CA PRO D 14 10.77 -10.46 29.50
C PRO D 14 9.81 -11.06 30.51
N ASP D 15 10.07 -10.89 31.80
CA ASP D 15 9.25 -11.49 32.83
C ASP D 15 8.42 -10.45 33.58
N ALA D 16 8.40 -9.21 33.09
CA ALA D 16 7.72 -8.12 33.78
C ALA D 16 6.22 -8.31 33.71
N LYS D 17 5.60 -8.43 34.90
CA LYS D 17 4.15 -8.59 34.98
C LYS D 17 3.42 -7.36 34.45
N GLU D 18 3.97 -6.18 34.70
CA GLU D 18 3.34 -4.94 34.27
C GLU D 18 4.41 -4.02 33.70
N ILE D 19 4.22 -3.55 32.48
CA ILE D 19 5.11 -2.57 31.86
C ILE D 19 4.32 -1.29 31.62
N PRO D 20 4.40 -0.32 32.53
CA PRO D 20 3.69 0.95 32.35
C PRO D 20 4.39 1.83 31.33
N TYR D 21 3.58 2.61 30.61
CA TYR D 21 4.09 3.49 29.56
C TYR D 21 3.18 4.69 29.40
N ALA D 22 3.71 5.72 28.76
CA ALA D 22 2.97 6.93 28.43
C ALA D 22 2.86 7.08 26.91
N GLU D 23 1.80 7.75 26.49
CA GLU D 23 1.63 8.11 25.08
C GLU D 23 1.55 9.61 24.98
N LEU D 24 2.31 10.18 24.05
CA LEU D 24 2.13 11.57 23.64
C LEU D 24 1.34 11.61 22.35
N LEU D 25 0.13 12.20 22.41
CA LEU D 25 -0.73 12.35 21.25
C LEU D 25 -0.38 13.59 20.44
N GLY D 26 -0.67 13.54 19.15
CA GLY D 26 -0.57 14.74 18.33
C GLY D 26 -1.73 15.69 18.57
N ILE D 27 -1.97 16.62 17.64
CA ILE D 27 -3.10 17.55 17.78
C ILE D 27 -4.41 16.77 17.73
N LEU D 28 -5.29 17.00 18.71
CA LEU D 28 -6.46 16.13 18.88
C LEU D 28 -7.47 16.22 17.74
N SER D 29 -7.44 17.27 16.94
CA SER D 29 -8.34 17.39 15.80
C SER D 29 -7.78 16.80 14.52
N ALA D 30 -6.51 16.38 14.48
CA ALA D 30 -5.91 15.90 13.24
C ALA D 30 -6.10 14.40 13.08
N GLN D 31 -6.56 13.97 11.90
CA GLN D 31 -6.67 12.54 11.65
C GLN D 31 -5.37 11.77 11.84
N PRO D 32 -4.18 12.28 11.47
CA PRO D 32 -2.97 11.47 11.68
C PRO D 32 -2.72 11.13 13.13
N THR D 33 -3.07 12.03 14.05
CA THR D 33 -3.01 11.73 15.47
C THR D 33 -3.67 10.40 15.80
N TRP D 34 -4.89 10.21 15.32
CA TRP D 34 -5.64 9.01 15.67
C TRP D 34 -5.27 7.81 14.80
N ASP D 35 -4.95 8.01 13.52
CA ASP D 35 -4.48 6.87 12.73
C ASP D 35 -3.22 6.26 13.37
N ARG D 36 -2.26 7.09 13.76
CA ARG D 36 -1.05 6.59 14.43
C ARG D 36 -1.36 5.97 15.79
N SER D 37 -2.15 6.66 16.61
CA SER D 37 -2.46 6.13 17.94
C SER D 37 -3.27 4.85 17.85
N ASN D 38 -4.33 4.83 17.01
CA ASN D 38 -5.16 3.62 16.92
C ASN D 38 -4.39 2.44 16.32
N GLY D 39 -3.54 2.70 15.33
CA GLY D 39 -2.72 1.63 14.78
C GLY D 39 -1.81 1.03 15.84
N PHE D 40 -1.14 1.89 16.60
CA PHE D 40 -0.33 1.45 17.73
C PHE D 40 -1.15 0.65 18.73
N HIS D 41 -2.30 1.18 19.19
CA HIS D 41 -3.05 0.49 20.22
C HIS D 41 -3.68 -0.80 19.71
N SER D 42 -4.01 -0.88 18.42
CA SER D 42 -4.59 -2.12 17.90
C SER D 42 -3.68 -3.30 18.15
N VAL D 43 -2.37 -3.07 18.20
CA VAL D 43 -1.42 -4.13 18.53
C VAL D 43 -1.25 -4.21 20.04
N VAL D 44 -0.82 -3.10 20.66
CA VAL D 44 -0.32 -3.16 22.03
C VAL D 44 -1.44 -3.50 23.01
N ASP D 45 -2.68 -3.07 22.72
CA ASP D 45 -3.76 -3.36 23.65
C ASP D 45 -4.07 -4.84 23.77
N GLN D 46 -3.53 -5.67 22.87
CA GLN D 46 -3.72 -7.12 23.00
C GLN D 46 -2.75 -7.75 23.98
N TYR D 47 -1.74 -7.01 24.44
CA TYR D 47 -0.80 -7.50 25.44
C TYR D 47 -1.10 -6.83 26.77
N PRO D 48 -1.86 -7.47 27.66
CA PRO D 48 -2.34 -6.75 28.86
C PRO D 48 -1.26 -6.44 29.87
N GLU D 49 -0.04 -6.99 29.74
CA GLU D 49 1.05 -6.58 30.61
C GLU D 49 1.44 -5.12 30.39
N PHE D 50 1.20 -4.57 29.20
CA PHE D 50 1.44 -3.15 28.97
C PHE D 50 0.28 -2.31 29.47
N LYS D 51 0.59 -1.29 30.29
CA LYS D 51 -0.42 -0.44 30.91
C LYS D 51 -0.12 1.01 30.56
N MET D 52 -1.00 1.63 29.75
CA MET D 52 -0.98 3.08 29.53
C MET D 52 -1.37 3.82 30.79
N VAL D 53 -0.40 4.43 31.48
CA VAL D 53 -0.71 5.17 32.70
C VAL D 53 -0.76 6.67 32.46
N ALA D 54 -0.33 7.16 31.30
CA ALA D 54 -0.48 8.57 30.97
C ALA D 54 -0.72 8.67 29.47
N GLN D 55 -1.65 9.53 29.08
CA GLN D 55 -1.90 9.81 27.67
C GLN D 55 -2.24 11.29 27.57
N GLN D 56 -1.37 12.05 26.89
CA GLN D 56 -1.53 13.50 26.79
C GLN D 56 -1.16 13.97 25.40
N SER D 57 -1.87 14.98 24.91
CA SER D 57 -1.46 15.66 23.68
C SER D 57 -0.32 16.63 23.96
N ALA D 58 0.76 16.50 23.18
CA ALA D 58 1.79 17.53 23.13
C ALA D 58 1.80 18.22 21.77
N GLU D 59 0.68 18.14 21.06
CA GLU D 59 0.34 19.02 19.95
C GLU D 59 1.37 18.95 18.81
N PHE D 60 1.95 17.77 18.61
CA PHE D 60 2.95 17.53 17.57
C PHE D 60 4.14 18.49 17.69
N ASP D 61 4.39 19.01 18.89
CA ASP D 61 5.32 20.10 19.10
C ASP D 61 6.43 19.70 20.06
N ARG D 62 7.66 20.11 19.73
CA ARG D 62 8.81 19.68 20.52
C ARG D 62 8.84 20.33 21.91
N ASP D 63 8.75 21.65 21.99
CA ASP D 63 8.81 22.32 23.30
C ASP D 63 7.63 21.89 24.18
N THR D 64 6.45 21.71 23.59
CA THR D 64 5.30 21.25 24.35
C THR D 64 5.54 19.86 24.90
N ALA D 65 6.14 18.98 24.10
CA ALA D 65 6.45 17.63 24.58
C ALA D 65 7.42 17.65 25.74
N TYR D 66 8.34 18.60 25.76
CA TYR D 66 9.24 18.73 26.91
C TYR D 66 8.45 19.00 28.18
N LYS D 67 7.54 19.98 28.11
CA LYS D 67 6.75 20.39 29.27
C LYS D 67 5.82 19.28 29.74
N VAL D 68 5.14 18.63 28.79
CA VAL D 68 4.21 17.55 29.11
C VAL D 68 4.94 16.36 29.71
N THR D 69 6.11 16.01 29.15
CA THR D 69 6.87 14.87 29.67
C THR D 69 7.37 15.15 31.08
N GLU D 70 7.81 16.37 31.34
CA GLU D 70 8.25 16.73 32.67
C GLU D 70 7.14 16.48 33.69
N GLN D 71 5.89 16.83 33.33
CA GLN D 71 4.75 16.56 34.21
C GLN D 71 4.51 15.07 34.36
N ILE D 72 4.58 14.32 33.25
CA ILE D 72 4.32 12.88 33.30
C ILE D 72 5.36 12.19 34.17
N LEU D 73 6.63 12.60 34.07
CA LEU D 73 7.65 11.98 34.91
C LEU D 73 7.37 12.22 36.39
N GLN D 74 6.79 13.37 36.71
CA GLN D 74 6.48 13.64 38.10
C GLN D 74 5.31 12.80 38.59
N ALA D 75 4.27 12.67 37.78
CA ALA D 75 3.08 11.95 38.24
C ALA D 75 3.21 10.43 38.10
N HIS D 76 3.99 9.97 37.12
CA HIS D 76 4.09 8.53 36.82
C HIS D 76 5.54 8.17 36.57
N PRO D 77 6.38 8.27 37.60
CA PRO D 77 7.78 7.86 37.45
C PRO D 77 7.95 6.38 37.20
N GLU D 78 6.89 5.57 37.34
CA GLU D 78 6.94 4.14 37.00
C GLU D 78 7.02 3.86 35.49
N ILE D 79 6.92 4.86 34.61
CA ILE D 79 6.86 4.52 33.18
C ILE D 79 8.18 3.93 32.72
N LYS D 80 8.10 2.96 31.83
CA LYS D 80 9.28 2.36 31.21
C LYS D 80 9.51 2.85 29.79
N ALA D 81 8.53 3.53 29.20
CA ALA D 81 8.63 3.84 27.78
C ALA D 81 7.64 4.95 27.46
N ILE D 82 7.93 5.70 26.41
CA ILE D 82 7.03 6.74 25.92
C ILE D 82 6.88 6.54 24.42
N TRP D 83 5.64 6.35 23.99
CA TRP D 83 5.30 6.27 22.58
C TRP D 83 4.80 7.65 22.16
N CYS D 84 5.41 8.22 21.11
CA CYS D 84 5.13 9.60 20.69
C CYS D 84 4.59 9.61 19.28
N GLY D 85 3.51 10.36 19.07
CA GLY D 85 2.86 10.45 17.78
C GLY D 85 3.66 11.12 16.68
N ASN D 86 4.72 11.88 17.03
CA ASN D 86 5.68 12.28 15.99
C ASN D 86 7.06 12.49 16.61
N ASP D 87 8.04 12.75 15.74
CA ASP D 87 9.44 12.82 16.13
C ASP D 87 9.74 14.09 16.92
N ALA D 88 9.07 15.22 16.58
CA ALA D 88 9.26 16.43 17.37
C ALA D 88 8.91 16.18 18.83
N MET D 89 7.79 15.52 19.08
CA MET D 89 7.41 15.13 20.44
C MET D 89 8.39 14.14 21.06
N ALA D 90 8.92 13.20 20.28
CA ALA D 90 9.91 12.27 20.83
C ALA D 90 11.18 12.99 21.27
N LEU D 91 11.66 13.95 20.46
CA LEU D 91 12.83 14.72 20.86
C LEU D 91 12.59 15.54 22.12
N GLY D 92 11.41 16.15 22.24
CA GLY D 92 11.11 16.89 23.46
C GLY D 92 11.03 15.98 24.66
N ALA D 93 10.37 14.82 24.51
CA ALA D 93 10.33 13.85 25.60
C ALA D 93 11.72 13.42 26.01
N MET D 94 12.61 13.22 25.03
CA MET D 94 13.98 12.81 25.35
C MET D 94 14.69 13.86 26.19
N LYS D 95 14.59 15.13 25.81
CA LYS D 95 15.24 16.20 26.57
C LYS D 95 14.76 16.20 28.01
N ALA D 96 13.44 16.07 28.22
CA ALA D 96 12.89 16.06 29.57
C ALA D 96 13.38 14.86 30.37
N CYS D 97 13.42 13.68 29.75
CA CYS D 97 13.93 12.50 30.44
C CYS D 97 15.39 12.67 30.82
N GLU D 98 16.22 13.20 29.91
CA GLU D 98 17.63 13.41 30.23
C GLU D 98 17.80 14.40 31.37
N ALA D 99 16.95 15.44 31.42
CA ALA D 99 17.04 16.41 32.50
C ALA D 99 16.72 15.80 33.86
N ALA D 100 15.90 14.75 33.89
CA ALA D 100 15.60 14.10 35.15
C ALA D 100 16.53 12.92 35.43
N GLY D 101 17.50 12.67 34.56
CA GLY D 101 18.36 11.51 34.73
C GLY D 101 17.69 10.22 34.33
N ARG D 102 16.58 10.29 33.60
CA ARG D 102 15.81 9.10 33.23
C ARG D 102 16.11 8.67 31.81
N THR D 103 17.40 8.49 31.54
CA THR D 103 17.90 7.96 30.27
C THR D 103 17.51 6.50 30.05
N ASP D 104 16.99 5.84 31.09
CA ASP D 104 16.52 4.46 30.98
C ASP D 104 15.18 4.33 30.25
N ILE D 105 14.42 5.42 30.09
CA ILE D 105 13.08 5.36 29.52
C ILE D 105 13.17 5.31 28.00
N TYR D 106 12.67 4.24 27.40
CA TYR D 106 12.78 4.07 25.95
C TYR D 106 11.71 4.86 25.23
N ILE D 107 12.10 5.56 24.17
CA ILE D 107 11.21 6.49 23.47
C ILE D 107 11.09 6.04 22.03
N PHE D 108 9.86 6.10 21.50
CA PHE D 108 9.49 5.66 20.16
C PHE D 108 8.74 6.79 19.44
N GLY D 109 9.17 7.11 18.22
CA GLY D 109 8.62 8.23 17.47
C GLY D 109 7.93 7.86 16.18
N PHE D 110 7.74 8.87 15.31
CA PHE D 110 7.07 8.69 14.03
C PHE D 110 7.44 9.91 13.19
N ASP D 111 8.02 9.67 12.00
CA ASP D 111 8.19 10.60 10.88
C ASP D 111 9.46 10.24 10.12
N GLY D 112 10.55 9.95 10.83
CA GLY D 112 11.84 9.79 10.20
C GLY D 112 12.62 11.07 10.08
N ALA D 113 12.32 12.06 10.92
CA ALA D 113 13.04 13.33 10.92
C ALA D 113 14.52 13.10 11.22
N GLU D 114 15.37 13.93 10.62
CA GLU D 114 16.81 13.69 10.69
C GLU D 114 17.32 13.75 12.13
N ASP D 115 16.72 14.61 12.97
CA ASP D 115 17.18 14.70 14.36
C ASP D 115 16.90 13.40 15.12
N VAL D 116 15.82 12.70 14.81
CA VAL D 116 15.53 11.43 15.47
C VAL D 116 16.38 10.32 14.84
N ILE D 117 16.59 10.38 13.52
CA ILE D 117 17.55 9.45 12.93
C ILE D 117 18.90 9.57 13.62
N ASN D 118 19.38 10.79 13.83
CA ASN D 118 20.67 10.97 14.48
C ASN D 118 20.62 10.43 15.92
N ALA D 119 19.55 10.73 16.66
CA ALA D 119 19.49 10.27 18.06
C ALA D 119 19.51 8.74 18.13
N ILE D 120 18.82 8.06 17.20
CA ILE D 120 18.85 6.61 17.20
C ILE D 120 20.26 6.13 16.90
N LYS D 121 20.92 6.77 15.93
CA LYS D 121 22.27 6.35 15.57
C LYS D 121 23.27 6.66 16.69
N GLU D 122 23.08 7.75 17.43
CA GLU D 122 23.99 8.04 18.53
C GLU D 122 23.78 7.15 19.75
N GLY D 123 22.82 6.22 19.71
CA GLY D 123 22.59 5.37 20.87
C GLY D 123 21.82 6.02 22.00
N LYS D 124 21.10 7.11 21.73
CA LYS D 124 20.25 7.77 22.71
C LYS D 124 19.05 6.89 23.00
N GLN D 125 18.22 7.36 23.96
CA GLN D 125 17.12 6.54 24.41
C GLN D 125 15.92 6.58 23.46
N ILE D 126 15.95 7.40 22.41
CA ILE D 126 15.03 7.20 21.29
C ILE D 126 15.56 6.02 20.49
N VAL D 127 14.75 4.97 20.35
CA VAL D 127 15.21 3.70 19.81
C VAL D 127 14.54 3.32 18.50
N ALA D 128 13.44 3.96 18.12
CA ALA D 128 12.83 3.63 16.83
C ALA D 128 11.98 4.80 16.34
N THR D 129 11.67 4.78 15.05
CA THR D 129 10.69 5.70 14.48
C THR D 129 10.11 5.04 13.23
N ILE D 130 9.21 5.74 12.57
CA ILE D 130 8.58 5.27 11.33
C ILE D 130 8.96 6.28 10.24
N MET D 131 9.62 5.80 9.17
CA MET D 131 9.99 6.67 8.08
C MET D 131 8.83 6.82 7.12
N GLN D 132 8.46 8.07 6.84
CA GLN D 132 7.49 8.43 5.81
C GLN D 132 8.20 8.78 4.53
N PHE D 133 7.44 8.77 3.42
CA PHE D 133 7.99 9.05 2.09
C PHE D 133 7.11 10.07 1.36
N PRO D 134 7.05 11.31 1.87
CA PRO D 134 6.19 12.33 1.21
C PRO D 134 6.54 12.64 -0.25
N LYS D 135 7.81 12.66 -0.64
CA LYS D 135 8.13 12.93 -2.05
C LYS D 135 7.56 11.86 -2.95
N LEU D 136 7.60 10.60 -2.52
CA LEU D 136 7.01 9.55 -3.33
C LEU D 136 5.51 9.75 -3.48
N MET D 137 4.86 10.23 -2.42
CA MET D 137 3.43 10.49 -2.49
C MET D 137 3.13 11.64 -3.42
N ALA D 138 3.92 12.72 -3.38
CA ALA D 138 3.69 13.85 -4.27
C ALA D 138 3.94 13.46 -5.72
N ARG D 139 4.99 12.67 -5.97
CA ARG D 139 5.32 12.27 -7.33
C ARG D 139 4.29 11.31 -7.90
N LEU D 140 3.73 10.45 -7.05
CA LEU D 140 2.77 9.45 -7.52
C LEU D 140 1.50 10.11 -8.02
N ALA D 141 1.06 11.18 -7.34
CA ALA D 141 -0.08 11.94 -7.82
C ALA D 141 0.15 12.47 -9.23
N VAL D 142 1.34 13.05 -9.47
CA VAL D 142 1.68 13.58 -10.79
C VAL D 142 1.82 12.45 -11.80
N GLU D 143 2.47 11.36 -11.40
CA GLU D 143 2.66 10.23 -12.30
C GLU D 143 1.32 9.64 -12.71
N TRP D 144 0.38 9.50 -11.77
CA TRP D 144 -0.95 8.97 -12.14
C TRP D 144 -1.75 9.98 -12.97
N ALA D 145 -1.63 11.27 -12.68
CA ALA D 145 -2.25 12.27 -13.53
C ALA D 145 -1.72 12.17 -14.96
N ASP D 146 -0.41 11.90 -15.09
CA ASP D 146 0.18 11.72 -16.41
C ASP D 146 -0.42 10.50 -17.11
N GLN D 147 -0.43 9.36 -16.40
CA GLN D 147 -1.04 8.14 -16.95
C GLN D 147 -2.49 8.37 -17.37
N TYR D 148 -3.25 9.07 -16.52
CA TYR D 148 -4.65 9.37 -16.80
C TYR D 148 -4.80 10.17 -18.10
N LEU D 149 -4.02 11.25 -18.24
CA LEU D 149 -4.14 12.05 -19.43
C LEU D 149 -3.76 11.26 -20.67
N ARG D 150 -2.90 10.24 -20.51
CA ARG D 150 -2.56 9.37 -21.61
C ARG D 150 -3.64 8.31 -21.85
N GLY D 151 -4.67 8.25 -21.02
CA GLY D 151 -5.84 7.43 -21.30
C GLY D 151 -6.20 6.42 -20.22
N GLU D 152 -5.39 6.23 -19.18
CA GLU D 152 -5.74 5.23 -18.17
C GLU D 152 -6.90 5.73 -17.31
N ARG D 153 -7.84 4.82 -17.02
CA ARG D 153 -8.90 5.08 -16.05
C ARG D 153 -8.98 4.06 -14.92
N SER D 154 -8.19 2.99 -14.96
CA SER D 154 -8.21 1.99 -13.89
C SER D 154 -7.24 2.40 -12.79
N PHE D 155 -7.75 3.13 -11.79
CA PHE D 155 -7.04 3.51 -10.58
C PHE D 155 -7.92 3.18 -9.37
N PRO D 156 -7.36 2.57 -8.34
CA PRO D 156 -8.06 2.53 -7.05
C PRO D 156 -8.18 3.93 -6.49
N GLU D 157 -9.30 4.20 -5.80
CA GLU D 157 -9.49 5.56 -5.31
C GLU D 157 -8.75 5.85 -4.01
N ILE D 158 -8.70 4.91 -3.08
CA ILE D 158 -8.11 5.14 -1.77
C ILE D 158 -6.74 4.48 -1.76
N VAL D 159 -5.69 5.29 -1.71
CA VAL D 159 -4.33 4.84 -2.00
C VAL D 159 -3.35 5.17 -0.88
N PRO D 160 -3.08 4.22 0.02
CA PRO D 160 -2.03 4.43 1.01
C PRO D 160 -0.65 4.28 0.40
N VAL D 161 0.27 5.17 0.78
CA VAL D 161 1.68 5.04 0.45
C VAL D 161 2.37 4.56 1.73
N THR D 162 3.17 3.49 1.61
CA THR D 162 3.63 2.79 2.79
C THR D 162 4.74 3.56 3.50
N VAL D 163 5.10 3.03 4.67
CA VAL D 163 6.06 3.62 5.58
C VAL D 163 6.97 2.49 6.06
N GLU D 164 8.01 2.85 6.81
CA GLU D 164 9.05 1.88 7.14
C GLU D 164 9.53 2.04 8.57
N LEU D 165 9.63 0.91 9.27
CA LEU D 165 10.17 0.93 10.64
C LEU D 165 11.67 1.17 10.64
N VAL D 166 12.11 2.11 11.48
CA VAL D 166 13.51 2.45 11.70
C VAL D 166 13.89 2.04 13.13
N THR D 167 14.99 1.29 13.27
CA THR D 167 15.42 0.80 14.58
C THR D 167 16.93 0.93 14.69
N ARG D 168 17.48 0.56 15.86
CA ARG D 168 18.93 0.53 15.97
C ARG D 168 19.55 -0.52 15.06
N GLU D 169 18.78 -1.52 14.62
CA GLU D 169 19.39 -2.58 13.82
C GLU D 169 19.54 -2.20 12.35
N ASN D 170 18.72 -1.27 11.84
CA ASN D 170 18.82 -0.88 10.43
C ASN D 170 19.14 0.60 10.24
N ILE D 171 19.62 1.28 11.28
CA ILE D 171 19.70 2.74 11.23
C ILE D 171 20.65 3.24 10.13
N ASP D 172 21.65 2.45 9.76
CA ASP D 172 22.62 2.99 8.81
C ASP D 172 22.04 3.15 7.40
N LYS D 173 20.92 2.51 7.11
CA LYS D 173 20.26 2.74 5.83
C LYS D 173 19.76 4.17 5.70
N TYR D 174 19.55 4.87 6.82
CA TYR D 174 18.84 6.15 6.82
C TYR D 174 19.71 7.36 7.15
N THR D 175 20.96 7.18 7.52
CA THR D 175 21.76 8.34 7.94
C THR D 175 22.42 9.02 6.75
#